data_4BBW
#
_entry.id   4BBW
#
_cell.length_a   141.377
_cell.length_b   94.023
_cell.length_c   50.533
_cell.angle_alpha   90.00
_cell.angle_beta   90.00
_cell.angle_gamma   90.00
#
_symmetry.space_group_name_H-M   'P 21 21 2'
#
loop_
_entity.id
_entity.type
_entity.pdbx_description
1 polymer 'SIALIDASE (NEURAMINIDASE)'
2 water water
#
_entity_poly.entity_id   1
_entity_poly.type   'polypeptide(L)'
_entity_poly.pdbx_seq_one_letter_code
;(MSE)KRNHYLFTLILLLGCSIFVKASDTVFVHQTQIPILIERQDNVLFYFRLDAKESR(MSE)(MSE)DEIVLDFGKSV
NLSDVQAVKLYYGGTEALQDKGKKRFAPVDYISSHRPGNTLAAIPSYSIKCAEALQPSAKVVLKSHYKLFPGINFFWISL
Q(MSE)KPETSLFTKISSELQSVKIDGKEAICEERSPKDIIHR(MSE)AVGVRHAGDDGSASFRIPGLVTSNKGTLLGVY
DVRYNSSVDLQEYVDVGLSRSTDGGKTWEK(MSE)RLPLSFGEYDGLPAAQNGVGDPSILVDTQTNTIWVVAAWTHG
(MSE)GNQRAWWSSHPG(MSE)DLYQTAQLV(MSE)AKSTDDGKTWSKPINITEQVKDPSWYFLLQGPGRGIT(MSE)SD
GTLVFPTQFIDSTRVPNAGI(MSE)YSKDRGKTWK(MSE)HN(MSE)ARTNTTEAQVVETEPGVL(MSE)LN(MSE)RDN
RGGSRAVAITKDLGKTWTEHPSSRKALQEPVC(MSE)ASLIHVEAEDNVLDKDILLFSNPNTTRGRNHITIKASLDDGLT
WLPEHQL(MSE)LDEGEGWGYSCLT(MSE)IDRETIGILYESSAAH(MSE)TFQAVKLKDLIR
;
_entity_poly.pdbx_strand_id   A
#
# COMPACT_ATOMS: atom_id res chain seq x y z
N THR A 25 -25.45 20.46 16.58
CA THR A 25 -26.06 19.15 16.69
C THR A 25 -25.70 18.25 15.49
N VAL A 26 -25.39 16.98 15.77
CA VAL A 26 -25.06 15.90 14.81
C VAL A 26 -23.96 16.16 13.77
N PHE A 27 -22.72 15.86 14.14
CA PHE A 27 -21.59 15.96 13.22
C PHE A 27 -21.31 14.61 12.52
N VAL A 28 -21.19 14.65 11.19
CA VAL A 28 -21.04 13.46 10.36
C VAL A 28 -19.72 13.42 9.55
N HIS A 29 -19.03 12.28 9.56
CA HIS A 29 -17.88 12.04 8.68
C HIS A 29 -18.03 10.74 7.89
N GLN A 30 -18.05 10.83 6.57
CA GLN A 30 -18.08 9.62 5.75
C GLN A 30 -16.65 9.21 5.41
N THR A 31 -16.35 7.93 5.50
CA THR A 31 -14.97 7.47 5.32
C THR A 31 -14.63 7.34 3.86
N GLN A 32 -13.36 7.56 3.57
CA GLN A 32 -12.80 7.20 2.28
C GLN A 32 -11.60 6.29 2.57
N ILE A 33 -11.90 5.00 2.74
CA ILE A 33 -10.90 4.00 3.11
C ILE A 33 -11.36 2.74 2.38
N PRO A 34 -10.41 1.88 2.06
CA PRO A 34 -10.82 0.67 1.34
C PRO A 34 -11.78 -0.18 2.16
N ILE A 35 -12.78 -0.72 1.49
CA ILE A 35 -13.68 -1.67 2.10
C ILE A 35 -13.13 -3.07 1.84
N LEU A 36 -12.60 -3.71 2.88
CA LEU A 36 -12.11 -5.09 2.77
C LEU A 36 -13.28 -6.05 2.53
N ILE A 37 -13.20 -6.83 1.47
CA ILE A 37 -14.30 -7.73 1.09
C ILE A 37 -14.56 -8.80 2.13
N GLU A 38 -13.48 -9.37 2.69
CA GLU A 38 -13.60 -10.44 3.66
C GLU A 38 -13.92 -9.95 5.08
N ARG A 39 -13.95 -8.63 5.29
CA ARG A 39 -14.23 -8.09 6.62
C ARG A 39 -15.69 -8.27 7.06
N GLN A 40 -15.88 -8.47 8.35
CA GLN A 40 -17.23 -8.59 8.93
C GLN A 40 -17.79 -7.20 9.23
N ASP A 41 -16.90 -6.23 9.38
CA ASP A 41 -17.27 -4.82 9.58
C ASP A 41 -16.31 -3.90 8.82
N ASN A 42 -16.83 -2.76 8.35
CA ASN A 42 -16.02 -1.72 7.74
C ASN A 42 -16.58 -0.38 8.14
N VAL A 43 -15.74 0.57 8.53
CA VAL A 43 -16.28 1.85 8.98
C VAL A 43 -16.74 2.70 7.79
N LEU A 44 -18.04 3.01 7.74
CA LEU A 44 -18.66 3.75 6.63
C LEU A 44 -18.88 5.23 6.97
N PHE A 45 -19.46 5.46 8.14
CA PHE A 45 -19.76 6.78 8.67
C PHE A 45 -19.41 6.86 10.16
N TYR A 46 -18.90 8.00 10.62
CA TYR A 46 -18.92 8.31 12.05
C TYR A 46 -19.94 9.42 12.33
N PHE A 47 -20.51 9.41 13.54
CA PHE A 47 -21.46 10.43 14.00
C PHE A 47 -21.08 10.92 15.40
N ARG A 48 -21.18 12.23 15.64
CA ARG A 48 -20.99 12.78 16.98
C ARG A 48 -22.01 13.87 17.32
N LEU A 49 -22.64 13.77 18.48
CA LEU A 49 -23.51 14.84 18.98
C LEU A 49 -23.39 15.05 20.49
N ASP A 50 -23.42 16.30 20.90
CA ASP A 50 -23.51 16.61 22.32
C ASP A 50 -24.99 16.64 22.61
N ALA A 51 -25.45 15.71 23.43
CA ALA A 51 -26.88 15.57 23.68
C ALA A 51 -27.31 16.49 24.80
N LYS A 52 -27.34 17.80 24.52
CA LYS A 52 -27.82 18.79 25.48
C LYS A 52 -29.33 18.73 25.60
N GLU A 53 -30.00 18.67 24.46
CA GLU A 53 -31.47 18.74 24.43
C GLU A 53 -32.03 17.49 23.77
N SER A 54 -31.24 16.43 23.69
CA SER A 54 -31.62 15.29 22.87
C SER A 54 -31.72 14.03 23.72
N ARG A 55 -32.72 13.21 23.43
CA ARG A 55 -33.06 12.11 24.33
C ARG A 55 -32.81 10.75 23.69
N MSE A 56 -33.19 10.62 22.41
CA MSE A 56 -33.15 9.32 21.77
C MSE A 56 -32.79 9.35 20.29
O MSE A 56 -33.35 10.11 19.50
CB MSE A 56 -34.50 8.61 21.97
CG MSE A 56 -34.71 7.43 21.05
SE MSE A 56 -36.04 6.16 21.72
CE MSE A 56 -35.36 6.05 23.55
N MSE A 57 -31.84 8.51 19.91
CA MSE A 57 -31.47 8.33 18.51
C MSE A 57 -32.50 7.43 17.85
O MSE A 57 -32.53 6.23 18.09
CB MSE A 57 -30.08 7.70 18.41
CG MSE A 57 -29.66 7.31 16.98
SE MSE A 57 -29.64 8.80 15.71
CE MSE A 57 -27.99 9.69 16.25
N ASP A 58 -33.37 8.00 17.03
CA ASP A 58 -34.50 7.23 16.53
C ASP A 58 -34.11 6.35 15.37
N GLU A 59 -33.51 6.96 14.36
CA GLU A 59 -33.19 6.24 13.14
C GLU A 59 -32.24 7.04 12.25
N ILE A 60 -31.61 6.35 11.31
CA ILE A 60 -30.76 6.97 10.31
C ILE A 60 -31.09 6.41 8.94
N VAL A 61 -31.25 7.29 7.97
CA VAL A 61 -31.67 6.88 6.64
C VAL A 61 -30.62 7.19 5.59
N LEU A 62 -30.37 6.22 4.72
CA LEU A 62 -29.34 6.35 3.71
C LEU A 62 -29.84 5.78 2.40
N ASP A 63 -29.31 6.32 1.30
CA ASP A 63 -29.65 5.87 -0.03
C ASP A 63 -28.44 5.25 -0.68
N PHE A 64 -28.56 3.99 -1.07
CA PHE A 64 -27.47 3.29 -1.75
C PHE A 64 -27.71 3.14 -3.25
N GLY A 65 -28.92 3.50 -3.71
CA GLY A 65 -29.21 3.60 -5.12
C GLY A 65 -28.15 4.57 -5.56
N LYS A 66 -27.54 4.32 -6.72
CA LYS A 66 -26.28 4.95 -7.15
C LYS A 66 -25.06 3.99 -7.03
N SER A 67 -25.08 3.08 -6.05
CA SER A 67 -24.10 1.99 -6.02
C SER A 67 -24.15 1.18 -7.31
N VAL A 68 -23.02 0.59 -7.70
CA VAL A 68 -23.06 -0.46 -8.71
C VAL A 68 -22.73 -1.82 -8.08
N ASN A 69 -23.61 -2.78 -8.33
CA ASN A 69 -23.60 -4.10 -7.69
C ASN A 69 -24.04 -3.99 -6.23
N LEU A 70 -25.21 -3.40 -5.99
CA LEU A 70 -25.72 -3.31 -4.63
C LEU A 70 -25.97 -4.69 -4.06
N SER A 71 -26.34 -5.63 -4.92
CA SER A 71 -26.51 -7.02 -4.51
C SER A 71 -25.32 -7.64 -3.74
N ASP A 72 -24.13 -7.02 -3.85
CA ASP A 72 -22.93 -7.58 -3.24
C ASP A 72 -22.89 -7.31 -1.72
N VAL A 73 -23.76 -6.44 -1.25
CA VAL A 73 -23.73 -6.04 0.16
C VAL A 73 -24.41 -7.08 1.06
N GLN A 74 -23.69 -7.58 2.06
CA GLN A 74 -24.27 -8.53 2.99
C GLN A 74 -25.13 -7.84 4.04
N ALA A 75 -24.62 -6.78 4.64
CA ALA A 75 -25.32 -6.10 5.70
C ALA A 75 -24.81 -4.68 5.88
N VAL A 76 -25.67 -3.82 6.41
CA VAL A 76 -25.31 -2.48 6.81
C VAL A 76 -25.72 -2.39 8.27
N LYS A 77 -24.82 -1.93 9.13
CA LYS A 77 -25.09 -1.95 10.56
C LYS A 77 -24.90 -0.60 11.23
N LEU A 78 -25.64 -0.38 12.31
CA LEU A 78 -25.46 0.78 13.16
C LEU A 78 -24.93 0.35 14.54
N TYR A 79 -23.93 1.06 15.05
CA TYR A 79 -23.27 0.69 16.29
C TYR A 79 -23.22 1.91 17.17
N TYR A 80 -23.38 1.69 18.46
CA TYR A 80 -23.24 2.78 19.40
C TYR A 80 -21.85 2.68 19.99
N GLY A 81 -21.12 3.79 19.92
CA GLY A 81 -19.77 3.81 20.46
C GLY A 81 -19.89 4.39 21.83
N GLY A 82 -18.85 5.02 22.33
CA GLY A 82 -19.06 5.55 23.65
C GLY A 82 -19.79 6.88 23.86
N THR A 83 -19.43 7.51 24.97
CA THR A 83 -19.48 8.95 25.13
C THR A 83 -18.01 9.37 25.21
N GLU A 84 -17.75 10.62 25.58
CA GLU A 84 -16.39 11.12 25.65
C GLU A 84 -16.04 11.55 27.07
N ALA A 85 -14.74 11.62 27.36
CA ALA A 85 -14.25 12.20 28.60
C ALA A 85 -14.62 13.67 28.62
N LEU A 86 -15.22 14.11 29.72
CA LEU A 86 -15.74 15.47 29.83
C LEU A 86 -14.73 16.57 29.45
N GLN A 87 -13.48 16.39 29.86
CA GLN A 87 -12.45 17.38 29.58
C GLN A 87 -12.03 17.46 28.09
N ASP A 88 -12.57 16.58 27.26
CA ASP A 88 -12.05 16.38 25.91
C ASP A 88 -13.02 16.76 24.82
N LYS A 89 -14.10 17.42 25.20
CA LYS A 89 -15.12 17.83 24.25
C LYS A 89 -14.52 18.70 23.14
N GLY A 90 -13.47 19.44 23.47
CA GLY A 90 -12.85 20.35 22.54
C GLY A 90 -12.04 19.65 21.48
N LYS A 91 -11.62 18.42 21.76
CA LYS A 91 -10.84 17.63 20.81
C LYS A 91 -11.69 17.33 19.57
N LYS A 92 -13.00 17.37 19.75
CA LYS A 92 -13.95 17.17 18.66
C LYS A 92 -13.67 15.88 17.89
N ARG A 93 -13.42 14.80 18.64
CA ARG A 93 -13.18 13.50 18.04
C ARG A 93 -14.45 13.01 17.38
N PHE A 94 -14.33 12.12 16.41
CA PHE A 94 -15.51 11.50 15.83
C PHE A 94 -15.76 10.12 16.39
N ALA A 95 -14.81 9.68 17.23
CA ALA A 95 -14.87 8.37 17.88
C ALA A 95 -13.98 8.42 19.11
N PRO A 96 -14.27 7.57 20.10
CA PRO A 96 -13.41 7.56 21.29
C PRO A 96 -12.18 6.68 21.08
N VAL A 97 -12.26 5.76 20.12
CA VAL A 97 -11.22 4.75 19.91
C VAL A 97 -11.39 4.19 18.49
N ASP A 98 -10.40 3.46 17.98
CA ASP A 98 -10.59 2.75 16.71
C ASP A 98 -11.46 1.53 16.95
N TYR A 99 -12.53 1.42 16.19
CA TYR A 99 -13.56 0.42 16.39
C TYR A 99 -13.19 -0.96 15.85
N ILE A 100 -12.32 -0.94 14.85
CA ILE A 100 -11.79 -2.12 14.21
C ILE A 100 -10.29 -1.90 14.12
N SER A 101 -9.51 -2.96 14.30
CA SER A 101 -8.06 -2.83 14.28
C SER A 101 -7.47 -3.47 13.03
N SER A 102 -6.35 -2.95 12.57
CA SER A 102 -5.59 -3.59 11.48
C SER A 102 -4.28 -4.20 12.02
N HIS A 103 -4.13 -4.19 13.35
CA HIS A 103 -2.86 -4.53 13.99
C HIS A 103 -2.95 -5.66 15.01
N ARG A 104 -4.12 -5.86 15.60
CA ARG A 104 -4.29 -6.95 16.54
C ARG A 104 -4.16 -8.27 15.80
N PRO A 105 -3.14 -9.06 16.17
CA PRO A 105 -2.90 -10.32 15.46
C PRO A 105 -4.12 -11.23 15.53
N GLY A 106 -4.61 -11.61 14.35
CA GLY A 106 -5.71 -12.54 14.23
C GLY A 106 -7.03 -11.95 14.67
N ASN A 107 -7.08 -10.62 14.79
CA ASN A 107 -8.29 -9.93 15.24
C ASN A 107 -8.51 -8.63 14.46
N THR A 108 -8.50 -8.71 13.13
CA THR A 108 -8.59 -7.49 12.32
C THR A 108 -9.87 -7.45 11.47
N LEU A 109 -10.74 -8.44 11.67
CA LEU A 109 -11.84 -8.65 10.73
C LEU A 109 -13.21 -8.15 11.24
N ALA A 110 -13.41 -8.12 12.55
CA ALA A 110 -14.67 -7.71 13.16
C ALA A 110 -14.47 -6.56 14.14
N ALA A 111 -15.53 -5.78 14.34
CA ALA A 111 -15.54 -4.68 15.27
C ALA A 111 -15.23 -5.22 16.66
N ILE A 112 -14.38 -4.53 17.40
CA ILE A 112 -14.01 -4.98 18.73
C ILE A 112 -15.24 -4.86 19.61
N PRO A 113 -15.77 -6.01 20.09
CA PRO A 113 -17.07 -6.03 20.78
C PRO A 113 -17.18 -5.05 21.95
N SER A 114 -16.12 -4.85 22.70
CA SER A 114 -16.20 -3.99 23.88
C SER A 114 -16.18 -2.50 23.56
N TYR A 115 -15.98 -2.15 22.30
CA TYR A 115 -16.00 -0.74 21.90
C TYR A 115 -17.34 -0.31 21.27
N SER A 116 -18.20 -1.26 20.96
CA SER A 116 -19.36 -0.97 20.14
C SER A 116 -20.54 -1.88 20.43
N ILE A 117 -21.71 -1.27 20.61
CA ILE A 117 -22.94 -2.00 20.75
C ILE A 117 -23.78 -1.89 19.47
N LYS A 118 -24.07 -3.02 18.83
CA LYS A 118 -24.87 -3.02 17.61
C LYS A 118 -26.29 -2.64 17.97
N CYS A 119 -26.83 -1.60 17.35
CA CYS A 119 -28.22 -1.22 17.60
C CYS A 119 -29.14 -1.36 16.39
N ALA A 120 -28.61 -1.54 15.19
CA ALA A 120 -29.48 -1.83 14.05
C ALA A 120 -28.76 -2.56 12.93
N GLU A 121 -29.53 -3.29 12.14
CA GLU A 121 -28.97 -4.04 11.04
C GLU A 121 -29.88 -4.05 9.83
N ALA A 122 -29.31 -3.95 8.64
CA ALA A 122 -30.08 -4.11 7.41
C ALA A 122 -29.42 -5.17 6.54
N LEU A 123 -30.10 -6.30 6.39
CA LEU A 123 -29.59 -7.43 5.60
C LEU A 123 -30.07 -7.34 4.17
N GLN A 124 -29.16 -7.69 3.24
CA GLN A 124 -29.38 -7.61 1.80
C GLN A 124 -30.27 -6.43 1.41
N PRO A 125 -29.75 -5.19 1.56
CA PRO A 125 -30.58 -3.99 1.43
C PRO A 125 -30.92 -3.62 -0.02
N SER A 126 -31.97 -2.83 -0.22
CA SER A 126 -32.18 -2.15 -1.50
C SER A 126 -31.63 -0.75 -1.30
N ALA A 127 -31.89 0.15 -2.24
CA ALA A 127 -31.31 1.50 -2.16
C ALA A 127 -31.54 2.17 -0.81
N LYS A 128 -32.77 2.06 -0.30
CA LYS A 128 -33.14 2.79 0.91
C LYS A 128 -32.89 1.97 2.15
N VAL A 129 -32.01 2.48 2.99
CA VAL A 129 -31.73 1.74 4.19
C VAL A 129 -32.14 2.58 5.38
N VAL A 130 -32.99 1.99 6.22
CA VAL A 130 -33.41 2.64 7.43
C VAL A 130 -32.83 1.84 8.60
N LEU A 131 -32.00 2.52 9.40
CA LEU A 131 -31.41 1.89 10.58
C LEU A 131 -32.13 2.41 11.83
N LYS A 132 -33.14 1.65 12.27
CA LYS A 132 -33.94 2.00 13.46
C LYS A 132 -33.27 1.62 14.77
N SER A 133 -32.66 2.61 15.41
CA SER A 133 -31.97 2.39 16.68
C SER A 133 -32.90 2.51 17.89
N HIS A 134 -33.56 3.67 18.05
CA HIS A 134 -34.36 3.93 19.24
C HIS A 134 -33.51 3.73 20.48
N TYR A 135 -32.46 4.55 20.57
CA TYR A 135 -31.40 4.36 21.52
C TYR A 135 -31.30 5.55 22.46
N LYS A 136 -31.54 5.28 23.74
CA LYS A 136 -31.35 6.27 24.79
C LYS A 136 -29.95 6.87 24.76
N LEU A 137 -29.89 8.18 24.76
CA LEU A 137 -28.63 8.89 24.67
C LEU A 137 -28.02 9.23 26.03
N PHE A 138 -26.71 9.34 26.04
CA PHE A 138 -25.99 9.72 27.23
C PHE A 138 -26.07 11.23 27.32
N PRO A 139 -26.20 11.77 28.55
CA PRO A 139 -26.25 13.22 28.73
C PRO A 139 -24.88 13.86 28.50
N GLY A 140 -24.52 14.02 27.22
CA GLY A 140 -23.23 14.56 26.86
C GLY A 140 -22.90 14.08 25.46
N ILE A 141 -21.62 13.89 25.15
CA ILE A 141 -21.22 13.41 23.84
C ILE A 141 -21.78 12.01 23.57
N ASN A 142 -22.25 11.78 22.35
CA ASN A 142 -22.69 10.44 21.92
C ASN A 142 -22.07 10.09 20.56
N PHE A 143 -21.52 8.89 20.46
CA PHE A 143 -20.86 8.41 19.24
C PHE A 143 -21.66 7.28 18.61
N PHE A 144 -21.75 7.28 17.29
CA PHE A 144 -22.38 6.18 16.58
C PHE A 144 -21.53 5.98 15.36
N TRP A 145 -21.61 4.81 14.75
CA TRP A 145 -20.97 4.59 13.47
C TRP A 145 -21.73 3.60 12.64
N ILE A 146 -21.59 3.71 11.33
CA ILE A 146 -22.22 2.74 10.44
C ILE A 146 -21.15 1.79 9.89
N SER A 147 -21.55 0.53 9.78
CA SER A 147 -20.68 -0.52 9.27
C SER A 147 -21.23 -1.11 7.97
N LEU A 148 -20.34 -1.30 6.99
CA LEU A 148 -20.66 -1.99 5.73
C LEU A 148 -20.04 -3.37 5.67
N GLN A 149 -20.85 -4.38 5.38
CA GLN A 149 -20.35 -5.73 5.25
C GLN A 149 -20.70 -6.32 3.88
N MSE A 150 -19.68 -6.76 3.15
CA MSE A 150 -19.86 -7.29 1.80
C MSE A 150 -20.02 -8.80 1.83
O MSE A 150 -19.68 -9.44 2.84
CB MSE A 150 -18.65 -6.96 0.92
CG MSE A 150 -18.23 -5.49 0.96
SE MSE A 150 -19.73 -4.29 0.56
CE MSE A 150 -20.31 -5.00 -1.17
N LYS A 151 -20.54 -9.36 0.76
CA LYS A 151 -20.57 -10.81 0.60
C LYS A 151 -19.18 -11.31 0.15
N PRO A 152 -18.84 -12.58 0.45
CA PRO A 152 -17.54 -13.12 0.07
C PRO A 152 -17.24 -12.98 -1.42
N GLU A 153 -18.20 -13.34 -2.29
CA GLU A 153 -18.00 -13.27 -3.75
C GLU A 153 -18.13 -11.86 -4.33
N THR A 154 -18.00 -10.84 -3.49
CA THR A 154 -18.14 -9.47 -3.96
C THR A 154 -17.12 -9.21 -5.06
N SER A 155 -17.56 -8.56 -6.13
CA SER A 155 -16.65 -8.16 -7.20
C SER A 155 -15.68 -7.07 -6.75
N LEU A 156 -14.44 -7.18 -7.19
CA LEU A 156 -13.46 -6.11 -7.00
C LEU A 156 -13.91 -4.73 -7.50
N PHE A 157 -14.82 -4.71 -8.46
CA PHE A 157 -15.20 -3.46 -9.10
C PHE A 157 -16.53 -2.94 -8.62
N THR A 158 -17.11 -3.66 -7.66
CA THR A 158 -18.31 -3.20 -6.98
C THR A 158 -18.04 -1.82 -6.38
N LYS A 159 -19.01 -0.91 -6.53
CA LYS A 159 -18.84 0.42 -5.98
C LYS A 159 -20.04 0.70 -5.11
N ILE A 160 -19.81 1.18 -3.89
CA ILE A 160 -20.91 1.46 -2.99
C ILE A 160 -21.03 2.95 -2.74
N SER A 161 -22.21 3.48 -3.03
CA SER A 161 -22.53 4.86 -2.75
C SER A 161 -23.50 4.81 -1.61
N SER A 162 -23.36 5.76 -0.69
CA SER A 162 -24.17 5.76 0.51
C SER A 162 -24.44 7.22 0.87
N GLU A 163 -25.56 7.72 0.39
CA GLU A 163 -25.96 9.11 0.61
C GLU A 163 -26.85 9.22 1.83
N LEU A 164 -26.43 10.06 2.77
CA LEU A 164 -27.17 10.27 4.01
C LEU A 164 -28.40 11.13 3.79
N GLN A 165 -29.58 10.50 3.91
CA GLN A 165 -30.85 11.23 3.81
C GLN A 165 -31.21 11.94 5.10
N SER A 166 -31.35 11.20 6.18
CA SER A 166 -31.73 11.83 7.44
C SER A 166 -31.28 11.18 8.74
N VAL A 167 -31.12 12.03 9.74
CA VAL A 167 -30.91 11.62 11.11
C VAL A 167 -32.05 12.12 12.00
N LYS A 168 -32.87 11.20 12.50
CA LYS A 168 -33.96 11.56 13.40
C LYS A 168 -33.62 11.42 14.89
N ILE A 169 -33.90 12.49 15.63
CA ILE A 169 -33.71 12.52 17.07
C ILE A 169 -34.99 13.03 17.70
N ASP A 170 -35.58 12.20 18.56
CA ASP A 170 -36.81 12.59 19.25
C ASP A 170 -37.95 12.95 18.31
N GLY A 171 -38.25 12.01 17.40
CA GLY A 171 -39.41 12.11 16.54
C GLY A 171 -39.29 13.14 15.43
N LYS A 172 -38.11 13.73 15.27
CA LYS A 172 -37.93 14.77 14.27
C LYS A 172 -36.49 14.89 13.75
N GLU A 173 -36.36 15.46 12.54
CA GLU A 173 -35.09 15.56 11.83
C GLU A 173 -34.13 16.50 12.52
N ALA A 174 -32.87 16.09 12.64
CA ALA A 174 -31.84 16.94 13.24
C ALA A 174 -31.05 17.65 12.16
N ILE A 175 -30.40 18.74 12.55
CA ILE A 175 -29.41 19.38 11.70
C ILE A 175 -28.12 18.58 11.73
N CYS A 176 -27.58 18.27 10.56
CA CYS A 176 -26.31 17.56 10.47
C CYS A 176 -25.24 18.47 9.87
N GLU A 177 -24.02 18.35 10.35
CA GLU A 177 -22.87 18.98 9.69
C GLU A 177 -21.93 17.91 9.12
N GLU A 178 -21.91 17.81 7.81
CA GLU A 178 -21.13 16.80 7.11
C GLU A 178 -20.08 17.47 6.26
N ARG A 179 -18.87 17.62 6.79
CA ARG A 179 -17.79 18.28 6.04
C ARG A 179 -17.13 17.36 5.02
N SER A 180 -17.40 16.07 5.09
CA SER A 180 -16.89 15.13 4.11
C SER A 180 -17.66 15.31 2.79
N PRO A 181 -17.01 14.99 1.65
CA PRO A 181 -17.60 15.04 0.30
C PRO A 181 -18.93 14.32 0.24
N LYS A 182 -19.81 14.75 -0.65
CA LYS A 182 -21.10 14.09 -0.80
C LYS A 182 -21.09 13.03 -1.90
N ASP A 183 -20.08 13.08 -2.77
CA ASP A 183 -20.04 12.16 -3.91
C ASP A 183 -19.06 10.98 -3.72
N ILE A 184 -18.71 10.69 -2.48
CA ILE A 184 -17.80 9.59 -2.15
C ILE A 184 -18.23 8.25 -2.76
N ILE A 185 -17.26 7.53 -3.32
CA ILE A 185 -17.53 6.17 -3.75
C ILE A 185 -16.66 5.20 -2.93
N HIS A 186 -17.29 4.29 -2.20
CA HIS A 186 -16.57 3.31 -1.41
C HIS A 186 -16.10 2.19 -2.31
N ARG A 187 -14.78 2.01 -2.39
CA ARG A 187 -14.18 0.97 -3.23
C ARG A 187 -13.86 -0.30 -2.46
N MSE A 188 -13.79 -1.41 -3.20
CA MSE A 188 -13.55 -2.73 -2.63
C MSE A 188 -12.07 -3.00 -2.53
O MSE A 188 -11.27 -2.43 -3.26
CB MSE A 188 -14.21 -3.82 -3.47
CG MSE A 188 -15.73 -3.70 -3.62
SE MSE A 188 -16.76 -3.74 -1.93
CE MSE A 188 -16.85 -1.83 -1.61
N ALA A 189 -11.70 -3.89 -1.60
CA ALA A 189 -10.31 -4.28 -1.43
C ALA A 189 -10.21 -5.67 -0.84
N VAL A 190 -9.13 -6.39 -1.13
CA VAL A 190 -8.82 -7.57 -0.33
C VAL A 190 -7.54 -7.42 0.51
N GLY A 191 -7.65 -7.85 1.78
CA GLY A 191 -6.55 -7.89 2.70
C GLY A 191 -5.77 -9.13 2.37
N VAL A 192 -4.80 -8.99 1.47
CA VAL A 192 -3.97 -10.10 1.08
C VAL A 192 -3.31 -10.67 2.34
N ARG A 193 -2.72 -9.81 3.17
CA ARG A 193 -2.14 -10.18 4.46
C ARG A 193 -2.72 -9.32 5.57
N HIS A 194 -3.24 -9.98 6.62
CA HIS A 194 -3.69 -9.28 7.84
C HIS A 194 -2.69 -9.58 8.95
N ALA A 195 -2.56 -8.65 9.91
CA ALA A 195 -1.77 -8.87 11.13
C ALA A 195 -2.10 -10.23 11.75
N GLY A 196 -1.08 -11.06 11.95
CA GLY A 196 -1.28 -12.36 12.56
C GLY A 196 -1.36 -13.54 11.62
N ASP A 197 -1.57 -13.27 10.33
CA ASP A 197 -1.66 -14.33 9.33
C ASP A 197 -0.40 -15.17 9.35
N ASP A 198 -0.59 -16.49 9.30
CA ASP A 198 0.47 -17.48 9.39
C ASP A 198 1.51 -17.17 10.47
N GLY A 199 1.04 -16.71 11.64
CA GLY A 199 1.88 -16.60 12.83
C GLY A 199 2.83 -15.42 12.80
N SER A 200 2.57 -14.46 11.91
CA SER A 200 3.45 -13.31 11.75
C SER A 200 2.76 -12.05 12.24
N ALA A 201 3.48 -11.22 12.99
CA ALA A 201 2.85 -10.06 13.60
C ALA A 201 2.43 -9.08 12.53
N SER A 202 3.30 -8.91 11.55
CA SER A 202 3.11 -7.86 10.57
C SER A 202 3.68 -8.23 9.21
N PHE A 203 3.25 -7.48 8.19
CA PHE A 203 3.73 -7.63 6.81
C PHE A 203 3.93 -6.23 6.31
N ARG A 204 5.09 -5.94 5.74
CA ARG A 204 5.35 -4.54 5.42
C ARG A 204 5.71 -4.11 4.00
N ILE A 205 6.70 -4.67 3.36
CA ILE A 205 7.16 -3.90 2.18
C ILE A 205 6.64 -4.41 0.81
N PRO A 206 5.58 -3.77 0.26
CA PRO A 206 4.87 -4.35 -0.89
C PRO A 206 5.60 -4.17 -2.21
N GLY A 207 5.55 -5.22 -3.02
CA GLY A 207 6.01 -5.21 -4.40
C GLY A 207 5.04 -6.04 -5.20
N LEU A 208 4.63 -5.52 -6.36
CA LEU A 208 3.61 -6.14 -7.19
C LEU A 208 3.93 -6.04 -8.68
N VAL A 209 3.83 -7.18 -9.36
CA VAL A 209 4.04 -7.22 -10.79
C VAL A 209 3.00 -8.14 -11.37
N THR A 210 2.94 -8.18 -12.70
CA THR A 210 2.05 -9.04 -13.44
C THR A 210 2.92 -9.87 -14.38
N SER A 211 2.79 -11.20 -14.32
CA SER A 211 3.57 -12.05 -15.19
C SER A 211 2.97 -12.09 -16.63
N ASN A 212 3.76 -12.62 -17.56
CA ASN A 212 3.35 -12.79 -18.95
C ASN A 212 2.07 -13.60 -19.03
N LYS A 213 1.85 -14.46 -18.03
CA LYS A 213 0.65 -15.28 -18.02
C LYS A 213 -0.51 -14.51 -17.43
N GLY A 214 -0.27 -13.24 -17.08
CA GLY A 214 -1.28 -12.46 -16.39
C GLY A 214 -1.39 -12.74 -14.89
N THR A 215 -0.51 -13.59 -14.37
CA THR A 215 -0.49 -13.95 -12.95
C THR A 215 -0.05 -12.78 -12.07
N LEU A 216 -0.82 -12.44 -11.05
CA LEU A 216 -0.41 -11.36 -10.15
C LEU A 216 0.52 -11.92 -9.10
N LEU A 217 1.55 -11.15 -8.74
CA LEU A 217 2.53 -11.64 -7.77
C LEU A 217 2.89 -10.57 -6.77
N GLY A 218 2.46 -10.76 -5.51
CA GLY A 218 2.77 -9.83 -4.44
C GLY A 218 3.84 -10.33 -3.46
N VAL A 219 4.86 -9.49 -3.25
CA VAL A 219 5.91 -9.81 -2.29
C VAL A 219 5.95 -8.77 -1.21
N TYR A 220 6.49 -9.17 -0.05
CA TYR A 220 6.46 -8.35 1.14
C TYR A 220 7.45 -8.93 2.16
N ASP A 221 7.86 -8.09 3.11
CA ASP A 221 8.47 -8.59 4.34
C ASP A 221 7.40 -9.34 5.10
N VAL A 222 7.72 -10.53 5.59
CA VAL A 222 6.95 -11.09 6.68
C VAL A 222 7.75 -10.93 7.98
N ARG A 223 7.30 -9.98 8.80
CA ARG A 223 7.96 -9.57 10.02
C ARG A 223 7.28 -10.23 11.21
N TYR A 224 7.77 -11.40 11.57
CA TYR A 224 7.08 -12.28 12.48
C TYR A 224 6.95 -11.76 13.92
N ASN A 225 8.02 -11.17 14.45
CA ASN A 225 8.06 -10.76 15.86
C ASN A 225 7.44 -9.40 16.16
N SER A 226 7.57 -8.48 15.21
CA SER A 226 7.08 -7.13 15.39
C SER A 226 7.12 -6.43 14.05
N SER A 227 6.75 -5.15 14.01
CA SER A 227 6.76 -4.40 12.76
C SER A 227 8.09 -3.72 12.52
N VAL A 228 9.08 -3.98 13.39
CA VAL A 228 10.34 -3.27 13.27
C VAL A 228 11.11 -3.73 12.05
N ASP A 229 11.87 -2.79 11.48
CA ASP A 229 12.60 -2.99 10.24
C ASP A 229 13.77 -3.98 10.35
N LEU A 230 14.39 -4.16 9.19
CA LEU A 230 15.74 -4.71 8.99
C LEU A 230 16.18 -5.85 9.86
N GLN A 231 16.94 -5.64 10.94
CA GLN A 231 17.35 -6.85 11.65
C GLN A 231 16.33 -7.37 12.63
N GLU A 232 15.77 -8.51 12.25
CA GLU A 232 14.79 -9.25 13.03
C GLU A 232 14.45 -10.51 12.26
N TYR A 233 13.56 -11.31 12.80
CA TYR A 233 13.11 -12.54 12.16
C TYR A 233 12.18 -12.12 11.02
N VAL A 234 12.75 -12.05 9.82
CA VAL A 234 12.04 -11.53 8.66
C VAL A 234 12.39 -12.36 7.43
N ASP A 235 11.35 -12.87 6.78
CA ASP A 235 11.46 -13.54 5.49
C ASP A 235 10.85 -12.63 4.43
N VAL A 236 11.11 -12.90 3.15
CA VAL A 236 10.29 -12.25 2.16
C VAL A 236 9.22 -13.24 1.70
N GLY A 237 7.96 -12.80 1.78
CA GLY A 237 6.84 -13.66 1.46
C GLY A 237 6.26 -13.37 0.09
N LEU A 238 5.55 -14.33 -0.48
CA LEU A 238 4.89 -14.09 -1.75
C LEU A 238 3.47 -14.61 -1.81
N SER A 239 2.56 -13.73 -2.23
CA SER A 239 1.19 -14.11 -2.60
C SER A 239 0.95 -14.03 -4.11
N ARG A 240 0.32 -15.06 -4.67
CA ARG A 240 0.15 -15.21 -6.10
C ARG A 240 -1.32 -15.36 -6.43
N SER A 241 -1.81 -14.53 -7.37
CA SER A 241 -3.18 -14.58 -7.85
C SER A 241 -3.31 -14.95 -9.34
N THR A 242 -4.12 -15.96 -9.64
CA THR A 242 -4.37 -16.34 -11.03
C THR A 242 -5.74 -15.86 -11.52
N ASP A 243 -6.42 -15.02 -10.74
CA ASP A 243 -7.76 -14.56 -11.12
C ASP A 243 -7.95 -13.05 -11.02
N GLY A 244 -6.91 -12.30 -11.30
CA GLY A 244 -7.03 -10.86 -11.36
C GLY A 244 -6.99 -10.21 -10.00
N GLY A 245 -6.56 -10.97 -8.99
CA GLY A 245 -6.40 -10.42 -7.66
C GLY A 245 -7.64 -10.55 -6.80
N LYS A 246 -8.58 -11.39 -7.22
CA LYS A 246 -9.76 -11.65 -6.41
C LYS A 246 -9.42 -12.68 -5.32
N THR A 247 -8.67 -13.71 -5.67
CA THR A 247 -8.20 -14.64 -4.64
C THR A 247 -6.71 -14.83 -4.73
N TRP A 248 -6.14 -15.22 -3.60
CA TRP A 248 -4.70 -15.33 -3.48
C TRP A 248 -4.37 -16.70 -2.92
N GLU A 249 -3.25 -17.25 -3.40
CA GLU A 249 -2.83 -18.59 -3.01
C GLU A 249 -2.09 -18.56 -1.68
N LYS A 250 -2.00 -19.71 -1.02
CA LYS A 250 -1.23 -19.85 0.21
C LYS A 250 0.14 -19.22 0.03
N MSE A 251 0.58 -18.48 1.06
CA MSE A 251 1.84 -17.75 1.04
C MSE A 251 3.04 -18.65 0.74
O MSE A 251 3.13 -19.78 1.18
CB MSE A 251 2.07 -17.02 2.35
CG MSE A 251 3.35 -16.21 2.39
SE MSE A 251 3.57 -15.09 3.97
CE MSE A 251 3.85 -16.51 5.30
N ARG A 252 3.97 -18.12 -0.07
CA ARG A 252 5.21 -18.79 -0.37
C ARG A 252 6.35 -17.93 0.18
N LEU A 253 7.53 -18.51 0.36
CA LEU A 253 8.69 -17.72 0.80
C LEU A 253 9.82 -17.81 -0.23
N PRO A 254 9.96 -16.76 -1.05
CA PRO A 254 11.05 -16.74 -2.03
C PRO A 254 12.42 -16.69 -1.34
N LEU A 255 12.51 -15.96 -0.24
CA LEU A 255 13.77 -15.83 0.47
C LEU A 255 13.61 -16.00 1.98
N SER A 256 14.49 -16.80 2.57
CA SER A 256 14.37 -17.16 3.98
C SER A 256 15.68 -17.84 4.39
N PHE A 257 16.38 -17.27 5.38
CA PHE A 257 17.70 -17.78 5.78
C PHE A 257 17.75 -18.62 7.06
N GLY A 258 16.71 -18.52 7.87
CA GLY A 258 16.59 -19.36 9.05
C GLY A 258 17.80 -19.22 9.97
N GLU A 259 18.35 -20.34 10.40
CA GLU A 259 19.44 -20.28 11.36
C GLU A 259 20.78 -20.39 10.64
N TYR A 260 20.92 -19.59 9.58
CA TYR A 260 22.10 -19.66 8.72
C TYR A 260 23.40 -19.40 9.47
N ASP A 261 24.35 -20.32 9.26
CA ASP A 261 25.65 -20.29 9.90
C ASP A 261 25.57 -20.32 11.43
N GLY A 262 24.50 -20.92 11.97
CA GLY A 262 24.33 -21.01 13.41
C GLY A 262 24.04 -19.71 14.14
N LEU A 263 23.50 -18.72 13.44
CA LEU A 263 22.98 -17.55 14.11
C LEU A 263 21.47 -17.71 14.22
N PRO A 264 20.88 -17.17 15.28
CA PRO A 264 19.42 -17.23 15.44
C PRO A 264 18.67 -16.66 14.21
N ALA A 265 17.46 -17.17 13.97
CA ALA A 265 16.67 -16.71 12.81
C ALA A 265 16.49 -15.20 12.84
N ALA A 266 16.40 -14.63 14.04
CA ALA A 266 16.25 -13.19 14.13
C ALA A 266 17.54 -12.43 13.86
N GLN A 267 18.63 -13.16 13.63
CA GLN A 267 19.88 -12.51 13.22
C GLN A 267 20.23 -12.89 11.79
N ASN A 268 19.21 -13.24 11.02
CA ASN A 268 19.35 -13.67 9.63
C ASN A 268 18.21 -13.11 8.79
N GLY A 269 17.79 -11.89 9.10
CA GLY A 269 16.64 -11.32 8.44
C GLY A 269 16.87 -11.05 6.96
N VAL A 270 15.82 -11.18 6.16
CA VAL A 270 15.88 -10.73 4.76
C VAL A 270 14.54 -10.07 4.38
N GLY A 271 14.62 -8.85 3.87
CA GLY A 271 13.41 -8.11 3.52
C GLY A 271 13.61 -6.90 2.63
N ASP A 272 12.62 -6.02 2.61
CA ASP A 272 12.63 -4.83 1.77
C ASP A 272 12.74 -5.24 0.31
N PRO A 273 11.93 -6.22 -0.11
CA PRO A 273 12.20 -6.88 -1.38
C PRO A 273 11.76 -6.05 -2.58
N SER A 274 12.39 -6.29 -3.73
CA SER A 274 11.89 -5.75 -4.99
C SER A 274 11.69 -6.87 -5.98
N ILE A 275 10.68 -6.74 -6.83
CA ILE A 275 10.37 -7.79 -7.80
C ILE A 275 10.26 -7.28 -9.26
N LEU A 276 10.82 -8.02 -10.20
CA LEU A 276 10.62 -7.70 -11.61
C LEU A 276 10.27 -8.97 -12.37
N VAL A 277 9.55 -8.82 -13.49
CA VAL A 277 9.33 -9.93 -14.42
C VAL A 277 10.28 -9.76 -15.60
N ASP A 278 10.99 -10.82 -15.97
CA ASP A 278 11.79 -10.83 -17.19
C ASP A 278 10.82 -11.05 -18.36
N THR A 279 10.41 -9.97 -18.99
CA THR A 279 9.40 -10.10 -20.04
C THR A 279 9.83 -10.93 -21.25
N GLN A 280 11.12 -11.25 -21.39
CA GLN A 280 11.55 -12.10 -22.50
C GLN A 280 11.35 -13.59 -22.22
N THR A 281 11.32 -13.97 -20.94
CA THR A 281 11.32 -15.39 -20.60
C THR A 281 10.28 -15.76 -19.58
N ASN A 282 9.58 -14.76 -19.07
CA ASN A 282 8.71 -14.85 -17.88
C ASN A 282 9.39 -15.32 -16.61
N THR A 283 10.73 -15.31 -16.59
CA THR A 283 11.44 -15.56 -15.35
C THR A 283 11.13 -14.44 -14.35
N ILE A 284 10.75 -14.81 -13.12
CA ILE A 284 10.48 -13.81 -12.10
C ILE A 284 11.66 -13.70 -11.14
N TRP A 285 12.12 -12.46 -10.93
CA TRP A 285 13.24 -12.21 -10.03
C TRP A 285 12.79 -11.42 -8.82
N VAL A 286 13.17 -11.87 -7.61
CA VAL A 286 13.05 -11.00 -6.45
C VAL A 286 14.41 -10.75 -5.83
N VAL A 287 14.72 -9.48 -5.59
CA VAL A 287 15.96 -9.12 -4.92
C VAL A 287 15.63 -8.60 -3.51
N ALA A 288 16.50 -8.89 -2.56
CA ALA A 288 16.29 -8.42 -1.19
C ALA A 288 17.61 -8.30 -0.43
N ALA A 289 17.53 -7.68 0.74
CA ALA A 289 18.69 -7.44 1.59
C ALA A 289 18.74 -8.47 2.70
N TRP A 290 19.80 -9.27 2.71
CA TRP A 290 20.02 -10.25 3.76
C TRP A 290 20.98 -9.67 4.79
N THR A 291 20.49 -9.47 6.01
CA THR A 291 21.34 -8.97 7.09
C THR A 291 21.66 -10.09 8.06
N HIS A 292 22.95 -10.34 8.25
CA HIS A 292 23.46 -11.40 9.13
C HIS A 292 24.03 -10.76 10.38
N GLY A 293 23.60 -11.26 11.54
CA GLY A 293 24.08 -10.78 12.83
C GLY A 293 23.41 -9.50 13.27
N MSE A 294 24.22 -8.53 13.71
CA MSE A 294 23.77 -7.18 14.07
C MSE A 294 22.80 -7.15 15.27
O MSE A 294 22.04 -6.19 15.43
CB MSE A 294 23.13 -6.48 12.88
CG MSE A 294 23.94 -6.54 11.59
SE MSE A 294 22.93 -5.74 10.09
CE MSE A 294 24.14 -6.34 8.67
N GLY A 295 22.82 -8.20 16.08
CA GLY A 295 21.98 -8.25 17.28
C GLY A 295 20.50 -8.04 17.01
N ASN A 296 19.90 -7.13 17.77
CA ASN A 296 18.51 -6.78 17.59
C ASN A 296 18.36 -5.31 17.17
N GLN A 297 19.38 -4.79 16.49
CA GLN A 297 19.45 -3.37 16.16
C GLN A 297 19.16 -3.06 14.69
N ARG A 298 18.91 -1.78 14.38
CA ARG A 298 18.57 -1.38 13.01
C ARG A 298 19.73 -1.48 12.03
N ALA A 299 19.55 -2.28 10.99
CA ALA A 299 20.60 -2.53 10.01
C ALA A 299 21.04 -1.27 9.25
N TRP A 300 20.25 -0.21 9.31
CA TRP A 300 20.59 1.09 8.72
C TRP A 300 21.73 1.73 9.51
N TRP A 301 21.85 1.32 10.77
CA TRP A 301 22.93 1.79 11.62
C TRP A 301 23.91 0.67 11.87
N SER A 302 23.50 -0.55 11.52
CA SER A 302 24.26 -1.72 11.94
C SER A 302 25.13 -2.29 10.83
N SER A 303 24.73 -2.10 9.58
CA SER A 303 25.57 -2.53 8.48
C SER A 303 26.79 -1.63 8.42
N HIS A 304 27.97 -2.25 8.34
CA HIS A 304 29.24 -1.54 8.34
C HIS A 304 30.00 -1.81 7.03
N PRO A 305 31.09 -1.05 6.77
CA PRO A 305 31.81 -1.26 5.51
C PRO A 305 32.42 -2.64 5.42
N GLY A 306 32.74 -3.06 4.20
CA GLY A 306 33.29 -4.38 3.97
C GLY A 306 32.47 -5.13 2.94
N MSE A 307 32.61 -6.43 2.91
CA MSE A 307 32.01 -7.20 1.85
C MSE A 307 31.31 -8.48 2.33
O MSE A 307 30.35 -8.92 1.69
CB MSE A 307 33.06 -7.55 0.79
CG MSE A 307 33.60 -6.35 0.01
SE MSE A 307 32.22 -5.45 -1.06
CE MSE A 307 31.94 -6.85 -2.38
N ASP A 308 31.78 -9.11 3.41
CA ASP A 308 31.21 -10.40 3.82
C ASP A 308 30.04 -10.32 4.83
N LEU A 309 29.43 -11.47 5.09
CA LEU A 309 28.26 -11.56 5.98
C LEU A 309 28.53 -11.07 7.41
N TYR A 310 29.76 -11.21 7.87
CA TYR A 310 30.18 -10.68 9.18
C TYR A 310 30.15 -9.16 9.23
N GLN A 311 30.31 -8.53 8.07
CA GLN A 311 30.54 -7.11 8.03
C GLN A 311 29.31 -6.30 7.64
N THR A 312 28.63 -6.74 6.58
CA THR A 312 27.73 -5.85 5.84
C THR A 312 26.54 -6.62 5.29
N ALA A 313 25.43 -5.90 5.12
CA ALA A 313 24.23 -6.47 4.51
C ALA A 313 24.52 -7.06 3.13
N GLN A 314 23.94 -8.23 2.87
CA GLN A 314 24.17 -8.93 1.62
C GLN A 314 23.04 -8.64 0.62
N LEU A 315 23.43 -8.56 -0.65
CA LEU A 315 22.46 -8.35 -1.70
C LEU A 315 22.22 -9.72 -2.32
N VAL A 316 21.04 -10.25 -2.10
CA VAL A 316 20.73 -11.61 -2.50
C VAL A 316 19.46 -11.62 -3.38
N MSE A 317 19.32 -12.63 -4.24
CA MSE A 317 18.18 -12.74 -5.15
C MSE A 317 17.67 -14.17 -5.21
O MSE A 317 18.41 -15.11 -4.88
CB MSE A 317 18.60 -12.33 -6.57
CG MSE A 317 19.30 -11.00 -6.69
SE MSE A 317 19.71 -10.57 -8.58
CE MSE A 317 17.92 -10.39 -9.25
N ALA A 318 16.41 -14.32 -5.60
CA ALA A 318 15.86 -15.62 -6.00
C ALA A 318 15.16 -15.49 -7.34
N LYS A 319 15.00 -16.62 -8.04
CA LYS A 319 14.34 -16.60 -9.34
C LYS A 319 13.32 -17.71 -9.48
N SER A 320 12.25 -17.41 -10.22
CA SER A 320 11.25 -18.41 -10.58
C SER A 320 11.14 -18.53 -12.09
N THR A 321 11.05 -19.77 -12.57
CA THR A 321 10.84 -20.00 -13.98
C THR A 321 9.52 -20.73 -14.23
N ASP A 322 8.76 -20.97 -13.16
CA ASP A 322 7.46 -21.60 -13.28
C ASP A 322 6.34 -20.67 -12.84
N ASP A 323 6.45 -19.42 -13.25
CA ASP A 323 5.41 -18.40 -13.01
C ASP A 323 5.19 -18.10 -11.51
N GLY A 324 6.28 -18.15 -10.74
CA GLY A 324 6.22 -17.74 -9.34
C GLY A 324 5.84 -18.86 -8.40
N LYS A 325 5.56 -20.05 -8.93
CA LYS A 325 5.12 -21.14 -8.08
C LYS A 325 6.25 -21.68 -7.21
N THR A 326 7.41 -21.94 -7.78
CA THR A 326 8.57 -22.32 -6.97
C THR A 326 9.77 -21.42 -7.23
N TRP A 327 10.75 -21.48 -6.33
CA TRP A 327 11.85 -20.52 -6.32
C TRP A 327 13.20 -21.15 -6.08
N SER A 328 14.24 -20.51 -6.58
CA SER A 328 15.57 -21.07 -6.47
C SER A 328 16.13 -20.83 -5.07
N LYS A 329 17.26 -21.48 -4.79
CA LYS A 329 18.06 -21.13 -3.64
C LYS A 329 18.51 -19.68 -3.82
N PRO A 330 18.89 -19.02 -2.72
CA PRO A 330 19.32 -17.63 -2.85
C PRO A 330 20.62 -17.46 -3.65
N ILE A 331 20.71 -16.33 -4.35
CA ILE A 331 21.92 -15.97 -5.10
C ILE A 331 22.52 -14.68 -4.56
N ASN A 332 23.73 -14.79 -4.00
CA ASN A 332 24.39 -13.64 -3.38
C ASN A 332 25.18 -12.88 -4.45
N ILE A 333 24.78 -11.66 -4.73
CA ILE A 333 25.39 -10.90 -5.80
C ILE A 333 26.20 -9.73 -5.26
N THR A 334 26.36 -9.67 -3.94
CA THR A 334 27.09 -8.58 -3.28
C THR A 334 28.47 -8.31 -3.88
N GLU A 335 29.23 -9.36 -4.14
CA GLU A 335 30.55 -9.22 -4.72
C GLU A 335 30.52 -8.51 -6.07
N GLN A 336 29.46 -8.75 -6.83
CA GLN A 336 29.35 -8.23 -8.19
C GLN A 336 29.23 -6.71 -8.31
N VAL A 337 28.67 -6.06 -7.30
CA VAL A 337 28.25 -4.67 -7.47
C VAL A 337 28.47 -3.78 -6.26
N LYS A 338 28.89 -4.38 -5.14
CA LYS A 338 29.01 -3.60 -3.94
C LYS A 338 30.43 -3.04 -3.81
N ASP A 339 30.51 -1.74 -3.56
CA ASP A 339 31.76 -1.07 -3.21
C ASP A 339 32.01 -1.28 -1.70
N PRO A 340 33.15 -1.88 -1.34
CA PRO A 340 33.45 -2.22 0.07
C PRO A 340 33.53 -1.02 1.00
N SER A 341 33.72 0.17 0.45
CA SER A 341 33.75 1.40 1.26
C SER A 341 32.36 1.75 1.81
N TRP A 342 31.32 1.29 1.13
CA TRP A 342 29.94 1.59 1.49
C TRP A 342 29.52 0.85 2.77
N TYR A 343 28.66 1.48 3.56
CA TYR A 343 28.12 0.85 4.78
C TYR A 343 27.02 -0.16 4.46
N PHE A 344 26.24 0.13 3.43
CA PHE A 344 24.98 -0.57 3.22
C PHE A 344 24.59 -0.44 1.75
N LEU A 345 24.33 -1.57 1.11
CA LEU A 345 23.83 -1.55 -0.27
C LEU A 345 22.62 -2.46 -0.40
N LEU A 346 21.53 -1.90 -0.90
CA LEU A 346 20.32 -2.69 -1.16
C LEU A 346 19.47 -2.17 -2.33
N GLN A 347 18.59 -3.04 -2.81
CA GLN A 347 17.62 -2.68 -3.83
C GLN A 347 16.73 -1.55 -3.32
N GLY A 348 16.09 -0.85 -4.25
CA GLY A 348 14.96 -0.01 -3.91
C GLY A 348 13.73 -0.91 -3.86
N PRO A 349 13.03 -0.90 -2.72
CA PRO A 349 11.84 -1.74 -2.48
C PRO A 349 10.73 -1.54 -3.53
N GLY A 350 10.07 -2.63 -3.93
CA GLY A 350 8.93 -2.58 -4.83
C GLY A 350 9.10 -3.44 -6.09
N ARG A 351 9.29 -2.77 -7.22
CA ARG A 351 9.49 -3.50 -8.47
C ARG A 351 10.69 -3.03 -9.28
N GLY A 352 11.10 -3.90 -10.20
CA GLY A 352 12.10 -3.59 -11.21
C GLY A 352 11.48 -3.65 -12.61
N ILE A 353 12.29 -3.47 -13.65
CA ILE A 353 11.76 -3.52 -15.03
C ILE A 353 12.65 -4.30 -16.01
N THR A 354 12.03 -4.90 -17.02
CA THR A 354 12.72 -5.36 -18.24
C THR A 354 12.60 -4.24 -19.26
N MSE A 355 13.72 -3.81 -19.85
CA MSE A 355 13.70 -2.74 -20.86
C MSE A 355 13.28 -3.24 -22.24
O MSE A 355 13.13 -4.45 -22.46
CB MSE A 355 15.04 -2.03 -20.95
CG MSE A 355 15.28 -1.02 -19.86
SE MSE A 355 17.12 -0.40 -19.82
CE MSE A 355 16.92 1.06 -21.12
N SER A 356 13.09 -2.29 -23.16
CA SER A 356 12.80 -2.61 -24.57
C SER A 356 13.82 -3.60 -25.13
N ASP A 357 15.09 -3.37 -24.84
CA ASP A 357 16.16 -4.21 -25.41
C ASP A 357 16.44 -5.50 -24.64
N GLY A 358 15.66 -5.75 -23.60
CA GLY A 358 15.76 -6.99 -22.84
C GLY A 358 16.59 -6.86 -21.58
N THR A 359 17.14 -5.68 -21.33
CA THR A 359 17.93 -5.43 -20.13
C THR A 359 17.04 -5.50 -18.88
N LEU A 360 17.58 -6.03 -17.79
CA LEU A 360 16.88 -6.07 -16.50
C LEU A 360 17.43 -4.95 -15.61
N VAL A 361 16.54 -4.14 -15.02
CA VAL A 361 16.96 -3.02 -14.16
C VAL A 361 16.28 -3.01 -12.76
N PHE A 362 17.09 -2.94 -11.69
CA PHE A 362 16.57 -2.70 -10.34
C PHE A 362 17.09 -1.38 -9.81
N PRO A 363 16.20 -0.56 -9.22
CA PRO A 363 16.62 0.63 -8.49
C PRO A 363 17.52 0.22 -7.33
N THR A 364 18.40 1.11 -6.92
CA THR A 364 19.39 0.78 -5.92
C THR A 364 19.51 1.95 -4.97
N GLN A 365 20.20 1.73 -3.86
CA GLN A 365 20.51 2.77 -2.91
C GLN A 365 21.65 2.27 -2.06
N PHE A 366 22.60 3.14 -1.75
CA PHE A 366 23.71 2.76 -0.87
C PHE A 366 24.09 3.89 0.08
N ILE A 367 24.60 3.51 1.24
CA ILE A 367 25.10 4.47 2.23
C ILE A 367 26.60 4.51 2.01
N ASP A 368 27.14 5.68 1.68
CA ASP A 368 28.55 5.76 1.29
C ASP A 368 29.44 5.93 2.51
N SER A 369 30.75 6.01 2.27
CA SER A 369 31.74 6.08 3.36
C SER A 369 31.49 7.24 4.32
N THR A 370 30.75 8.25 3.86
CA THR A 370 30.44 9.42 4.68
C THR A 370 29.10 9.25 5.39
N ARG A 371 28.51 8.08 5.19
CA ARG A 371 27.18 7.71 5.75
C ARG A 371 26.02 8.46 5.10
N VAL A 372 26.12 8.69 3.79
CA VAL A 372 25.04 9.35 3.08
C VAL A 372 24.39 8.40 2.07
N PRO A 373 23.05 8.31 2.10
CA PRO A 373 22.27 7.46 1.20
C PRO A 373 22.30 8.01 -0.22
N ASN A 374 22.43 7.15 -1.22
CA ASN A 374 22.38 7.59 -2.61
C ASN A 374 21.62 6.63 -3.52
N ALA A 375 20.57 7.12 -4.20
CA ALA A 375 19.78 6.28 -5.10
C ALA A 375 20.45 6.16 -6.47
N GLY A 376 20.16 5.05 -7.16
CA GLY A 376 20.79 4.73 -8.42
C GLY A 376 20.10 3.53 -9.03
N ILE A 377 20.75 2.86 -9.98
CA ILE A 377 20.22 1.61 -10.53
C ILE A 377 21.31 0.57 -10.78
N MSE A 378 20.87 -0.67 -10.97
CA MSE A 378 21.76 -1.74 -11.36
C MSE A 378 21.08 -2.47 -12.49
O MSE A 378 19.85 -2.46 -12.61
CB MSE A 378 22.04 -2.70 -10.18
CG MSE A 378 20.85 -3.53 -9.69
SE MSE A 378 21.42 -4.94 -8.45
CE MSE A 378 22.61 -3.80 -7.39
N TYR A 379 21.88 -3.11 -13.32
CA TYR A 379 21.30 -3.76 -14.47
C TYR A 379 22.04 -5.04 -14.82
N SER A 380 21.32 -5.92 -15.50
CA SER A 380 21.90 -7.13 -16.03
C SER A 380 21.58 -7.22 -17.54
N LYS A 381 22.59 -7.58 -18.32
CA LYS A 381 22.36 -7.68 -19.75
C LYS A 381 22.28 -9.12 -20.22
N ASP A 382 22.34 -10.06 -19.27
CA ASP A 382 22.38 -11.47 -19.61
C ASP A 382 21.35 -12.32 -18.87
N ARG A 383 20.07 -11.96 -19.02
CA ARG A 383 18.97 -12.64 -18.34
C ARG A 383 19.20 -12.77 -16.84
N GLY A 384 19.95 -11.85 -16.25
CA GLY A 384 20.21 -11.88 -14.83
C GLY A 384 21.38 -12.72 -14.31
N LYS A 385 22.29 -13.14 -15.17
CA LYS A 385 23.45 -13.86 -14.68
C LYS A 385 24.41 -12.94 -13.92
N THR A 386 24.65 -11.76 -14.48
CA THR A 386 25.61 -10.83 -13.89
C THR A 386 24.98 -9.46 -13.80
N TRP A 387 25.34 -8.69 -12.77
CA TRP A 387 24.75 -7.36 -12.58
C TRP A 387 25.84 -6.32 -12.46
N LYS A 388 25.47 -5.07 -12.68
CA LYS A 388 26.44 -4.00 -12.80
C LYS A 388 25.83 -2.66 -12.42
N MSE A 389 26.61 -1.86 -11.69
CA MSE A 389 26.19 -0.52 -11.31
C MSE A 389 27.22 0.51 -11.74
O MSE A 389 28.43 0.27 -11.61
CB MSE A 389 26.09 -0.39 -9.80
CG MSE A 389 24.92 -1.08 -9.12
SE MSE A 389 24.89 -0.53 -7.24
CE MSE A 389 24.35 1.33 -7.48
N HIS A 390 26.75 1.67 -12.20
CA HIS A 390 27.65 2.78 -12.45
C HIS A 390 27.61 3.80 -11.32
N ASN A 391 26.91 4.91 -11.54
CA ASN A 391 26.95 6.04 -10.61
C ASN A 391 25.61 6.45 -9.99
N MSE A 392 25.66 7.12 -8.84
CA MSE A 392 24.46 7.61 -8.18
C MSE A 392 23.73 8.68 -9.00
O MSE A 392 24.32 9.34 -9.85
CB MSE A 392 24.78 8.15 -6.80
CG MSE A 392 26.08 8.91 -6.73
SE MSE A 392 26.11 10.21 -5.28
CE MSE A 392 28.03 10.20 -4.97
N ALA A 393 22.43 8.84 -8.73
CA ALA A 393 21.62 9.83 -9.43
C ALA A 393 21.65 11.17 -8.70
N ARG A 394 21.62 11.12 -7.36
CA ARG A 394 21.50 12.31 -6.55
C ARG A 394 21.95 11.95 -5.15
N THR A 395 22.62 12.85 -4.46
CA THR A 395 23.03 12.57 -3.09
C THR A 395 21.83 12.66 -2.18
N ASN A 396 21.96 12.06 -1.00
CA ASN A 396 20.92 12.08 0.04
C ASN A 396 19.53 11.67 -0.46
N THR A 397 19.49 10.57 -1.19
CA THR A 397 18.24 9.98 -1.68
C THR A 397 18.24 8.51 -1.29
N THR A 398 17.05 7.92 -1.10
CA THR A 398 16.92 6.51 -0.72
C THR A 398 16.08 5.69 -1.72
N GLU A 399 14.85 5.37 -1.35
CA GLU A 399 14.01 4.49 -2.15
C GLU A 399 13.60 5.16 -3.45
N ALA A 400 13.71 4.41 -4.53
CA ALA A 400 13.40 4.95 -5.83
C ALA A 400 12.71 3.88 -6.64
N GLN A 401 11.96 4.29 -7.64
CA GLN A 401 11.49 3.37 -8.66
C GLN A 401 11.85 3.90 -10.05
N VAL A 402 12.08 2.99 -10.99
CA VAL A 402 12.65 3.37 -12.26
C VAL A 402 11.75 2.91 -13.41
N VAL A 403 11.70 3.73 -14.45
CA VAL A 403 10.79 3.47 -15.55
C VAL A 403 11.47 3.79 -16.91
N GLU A 404 11.05 3.09 -17.98
CA GLU A 404 11.54 3.39 -19.33
C GLU A 404 10.52 4.20 -20.14
N THR A 405 10.77 5.49 -20.30
CA THR A 405 9.85 6.36 -21.05
C THR A 405 9.94 6.12 -22.56
N GLU A 406 11.16 6.14 -23.10
CA GLU A 406 11.39 5.73 -24.49
C GLU A 406 12.49 4.68 -24.43
N PRO A 407 12.67 3.90 -25.51
CA PRO A 407 13.79 2.94 -25.49
C PRO A 407 15.08 3.64 -25.09
N GLY A 408 15.84 3.01 -24.20
CA GLY A 408 17.14 3.52 -23.83
C GLY A 408 17.15 4.70 -22.86
N VAL A 409 15.97 5.19 -22.49
CA VAL A 409 15.91 6.25 -21.48
C VAL A 409 15.11 5.85 -20.23
N LEU A 410 15.78 6.02 -19.09
CA LEU A 410 15.24 5.60 -17.81
C LEU A 410 14.99 6.81 -16.92
N MSE A 411 13.84 6.79 -16.26
CA MSE A 411 13.43 7.85 -15.36
C MSE A 411 13.45 7.30 -13.93
O MSE A 411 12.76 6.32 -13.63
CB MSE A 411 12.02 8.31 -15.71
CG MSE A 411 11.40 9.29 -14.72
SE MSE A 411 9.55 9.69 -15.14
CE MSE A 411 9.68 11.63 -15.17
N LEU A 412 14.24 7.92 -13.07
CA LEU A 412 14.35 7.48 -11.68
C LEU A 412 13.67 8.45 -10.71
N ASN A 413 12.55 8.00 -10.16
CA ASN A 413 11.79 8.76 -9.20
C ASN A 413 12.14 8.29 -7.78
N MSE A 414 12.50 9.24 -6.91
CA MSE A 414 13.23 8.91 -5.68
C MSE A 414 12.72 9.56 -4.39
O MSE A 414 12.45 10.76 -4.35
CB MSE A 414 14.69 9.33 -5.80
CG MSE A 414 15.36 9.03 -7.13
SE MSE A 414 17.06 9.96 -7.14
CE MSE A 414 16.48 11.63 -7.96
N ARG A 415 12.65 8.77 -3.33
CA ARG A 415 12.48 9.27 -1.97
C ARG A 415 13.65 10.19 -1.64
N ASP A 416 13.33 11.45 -1.33
CA ASP A 416 14.35 12.49 -1.13
C ASP A 416 14.40 12.91 0.34
N ASN A 417 15.57 12.78 0.97
CA ASN A 417 15.69 13.02 2.41
C ASN A 417 15.60 14.48 2.82
N ARG A 418 15.83 15.39 1.89
CA ARG A 418 15.71 16.82 2.16
C ARG A 418 14.27 17.15 2.53
N GLY A 419 13.57 17.84 1.63
CA GLY A 419 12.21 18.23 1.89
C GLY A 419 11.21 17.13 1.57
N GLY A 420 10.02 17.54 1.18
CA GLY A 420 8.94 16.62 0.92
C GLY A 420 8.46 16.74 -0.51
N SER A 421 9.26 16.22 -1.42
CA SER A 421 8.99 16.31 -2.84
C SER A 421 9.82 15.27 -3.55
N ARG A 422 9.19 14.42 -4.36
CA ARG A 422 9.89 13.36 -5.08
C ARG A 422 10.94 13.97 -5.99
N ALA A 423 12.17 13.48 -5.89
CA ALA A 423 13.23 13.88 -6.83
C ALA A 423 13.23 12.99 -8.10
N VAL A 424 13.36 13.60 -9.28
CA VAL A 424 13.38 12.86 -10.54
C VAL A 424 14.69 13.08 -11.32
N ALA A 425 15.19 12.01 -11.95
CA ALA A 425 16.40 12.06 -12.74
C ALA A 425 16.26 11.15 -13.95
N ILE A 426 17.05 11.43 -14.98
CA ILE A 426 16.95 10.75 -16.29
C ILE A 426 18.30 10.17 -16.66
N THR A 427 18.32 8.96 -17.20
CA THR A 427 19.56 8.40 -17.72
C THR A 427 19.33 7.73 -19.07
N LYS A 428 20.21 8.03 -20.02
CA LYS A 428 20.15 7.39 -21.32
C LYS A 428 21.34 6.45 -21.42
N ASP A 429 22.11 6.36 -20.32
CA ASP A 429 23.27 5.49 -20.31
C ASP A 429 23.34 4.56 -19.09
N LEU A 430 22.18 4.02 -18.69
CA LEU A 430 22.10 3.05 -17.61
C LEU A 430 22.85 3.47 -16.36
N GLY A 431 22.85 4.77 -16.06
CA GLY A 431 23.38 5.25 -14.78
C GLY A 431 24.78 5.83 -14.75
N LYS A 432 25.41 5.96 -15.92
CA LYS A 432 26.72 6.62 -16.00
C LYS A 432 26.54 8.12 -15.80
N THR A 433 25.61 8.70 -16.54
CA THR A 433 25.28 10.11 -16.37
C THR A 433 23.81 10.31 -16.08
N TRP A 434 23.50 11.38 -15.38
CA TRP A 434 22.13 11.64 -14.99
C TRP A 434 21.72 13.06 -15.32
N THR A 435 20.48 13.20 -15.79
CA THR A 435 19.91 14.50 -16.08
C THR A 435 18.70 14.71 -15.18
N GLU A 436 18.71 15.81 -14.43
CA GLU A 436 17.55 16.13 -13.61
C GLU A 436 16.33 16.38 -14.50
N HIS A 437 15.14 16.08 -13.99
CA HIS A 437 13.90 16.25 -14.76
C HIS A 437 13.25 17.59 -14.39
N PRO A 438 12.41 18.13 -15.28
CA PRO A 438 11.63 19.34 -14.97
C PRO A 438 10.72 19.19 -13.77
N SER A 439 10.22 17.97 -13.51
CA SER A 439 9.30 17.74 -12.41
C SER A 439 9.98 17.56 -11.05
N SER A 440 11.29 17.27 -11.09
CA SER A 440 12.05 16.94 -9.89
C SER A 440 11.96 17.98 -8.78
N ARG A 441 11.61 17.51 -7.59
CA ARG A 441 11.49 18.34 -6.40
C ARG A 441 10.44 19.44 -6.54
N LYS A 442 9.38 19.14 -7.27
CA LYS A 442 8.30 20.11 -7.45
C LYS A 442 6.93 19.52 -7.80
N ALA A 443 6.86 18.56 -8.71
CA ALA A 443 5.56 18.07 -9.19
C ALA A 443 4.86 17.07 -8.26
N LEU A 444 5.62 16.32 -7.48
CA LEU A 444 5.03 15.30 -6.61
C LEU A 444 5.44 15.46 -5.14
N GLN A 445 4.50 15.88 -4.29
CA GLN A 445 4.78 16.01 -2.87
C GLN A 445 4.86 14.64 -2.19
N GLU A 446 5.71 14.52 -1.18
CA GLU A 446 5.79 13.30 -0.37
C GLU A 446 6.08 13.63 1.10
N PRO A 447 5.73 12.73 2.03
CA PRO A 447 6.19 12.88 3.42
C PRO A 447 7.53 12.19 3.68
N VAL A 448 8.34 12.01 2.63
CA VAL A 448 9.54 11.17 2.67
C VAL A 448 9.15 9.71 2.94
N CYS A 449 8.83 9.03 1.86
CA CYS A 449 8.22 7.71 1.90
C CYS A 449 8.51 7.03 0.59
N MSE A 450 8.31 5.73 0.53
CA MSE A 450 8.43 5.06 -0.74
C MSE A 450 7.33 5.59 -1.65
O MSE A 450 6.26 5.97 -1.17
CB MSE A 450 8.29 3.54 -0.57
CG MSE A 450 8.56 2.73 -1.83
SE MSE A 450 6.99 1.88 -2.61
CE MSE A 450 5.67 3.08 -2.04
N ALA A 451 7.59 5.62 -2.96
CA ALA A 451 6.51 5.83 -3.92
C ALA A 451 6.62 4.82 -5.06
N SER A 452 5.50 4.54 -5.70
CA SER A 452 5.49 3.66 -6.86
C SER A 452 5.33 4.45 -8.17
N LEU A 453 6.15 4.13 -9.17
CA LEU A 453 6.06 4.72 -10.49
C LEU A 453 6.04 3.59 -11.50
N ILE A 454 5.06 3.59 -12.38
CA ILE A 454 5.10 2.69 -13.54
C ILE A 454 4.79 3.44 -14.83
N HIS A 455 5.24 2.87 -15.94
CA HIS A 455 5.00 3.43 -17.25
C HIS A 455 4.24 2.43 -18.09
N VAL A 456 3.23 2.91 -18.81
CA VAL A 456 2.46 2.02 -19.67
C VAL A 456 2.52 2.50 -21.15
N GLU A 457 2.74 1.56 -22.07
CA GLU A 457 2.76 1.91 -23.50
C GLU A 457 1.39 1.87 -24.16
N ALA A 458 1.20 2.81 -25.08
CA ALA A 458 -0.09 3.00 -25.76
C ALA A 458 -0.71 1.68 -26.21
N GLU A 459 0.08 0.82 -26.84
CA GLU A 459 -0.46 -0.43 -27.36
C GLU A 459 -0.88 -1.37 -26.25
N ASP A 460 -0.45 -1.10 -25.02
CA ASP A 460 -0.71 -1.99 -23.89
C ASP A 460 -1.84 -1.52 -22.98
N ASN A 461 -2.55 -0.45 -23.36
CA ASN A 461 -3.69 0.02 -22.59
C ASN A 461 -4.86 0.51 -23.46
N VAL A 462 -6.08 0.41 -22.92
CA VAL A 462 -7.28 0.72 -23.71
C VAL A 462 -7.44 2.20 -24.04
N LEU A 463 -6.62 3.03 -23.41
CA LEU A 463 -6.61 4.47 -23.72
C LEU A 463 -5.73 4.77 -24.94
N ASP A 464 -5.00 3.76 -25.42
CA ASP A 464 -4.07 3.95 -26.54
C ASP A 464 -3.26 5.22 -26.33
N LYS A 465 -2.88 5.48 -25.09
CA LYS A 465 -2.08 6.65 -24.74
C LYS A 465 -0.89 6.18 -23.92
N ASP A 466 0.15 6.99 -23.90
CA ASP A 466 1.31 6.70 -23.07
C ASP A 466 1.22 7.43 -21.75
N ILE A 467 1.26 6.66 -20.66
CA ILE A 467 0.98 7.19 -19.33
C ILE A 467 2.00 6.78 -18.28
N LEU A 468 2.24 7.70 -17.36
CA LEU A 468 2.94 7.41 -16.13
C LEU A 468 1.94 7.29 -14.98
N LEU A 469 1.92 6.14 -14.33
CA LEU A 469 1.17 5.96 -13.09
C LEU A 469 2.06 6.13 -11.86
N PHE A 470 1.49 6.74 -10.82
CA PHE A 470 2.21 7.06 -9.58
C PHE A 470 1.26 6.87 -8.38
N SER A 471 1.78 6.32 -7.29
CA SER A 471 1.01 6.19 -6.05
C SER A 471 1.86 6.46 -4.82
N ASN A 472 1.33 7.23 -3.87
CA ASN A 472 2.07 7.54 -2.65
C ASN A 472 1.14 8.18 -1.62
N PRO A 473 1.65 8.46 -0.40
CA PRO A 473 0.80 9.29 0.47
C PRO A 473 0.77 10.70 -0.08
N ASN A 474 -0.41 11.22 -0.41
CA ASN A 474 -0.51 12.54 -1.01
C ASN A 474 -0.53 13.69 0.02
N THR A 475 0.61 13.90 0.67
CA THR A 475 0.79 14.90 1.72
C THR A 475 2.28 15.19 1.84
N THR A 476 2.64 16.17 2.65
CA THR A 476 4.04 16.37 2.96
C THR A 476 4.30 15.89 4.37
N ARG A 477 3.23 15.66 5.11
CA ARG A 477 3.33 15.19 6.48
C ARG A 477 2.27 14.14 6.83
N GLY A 478 2.72 13.05 7.45
CA GLY A 478 1.86 11.93 7.77
C GLY A 478 1.77 10.94 6.63
N ARG A 479 1.65 9.66 6.98
CA ARG A 479 1.44 8.60 5.99
C ARG A 479 -0.04 8.31 5.86
N ASN A 480 -0.69 8.97 4.92
CA ASN A 480 -2.13 8.83 4.73
C ASN A 480 -2.54 9.45 3.40
N HIS A 481 -3.81 9.28 3.04
CA HIS A 481 -4.30 9.72 1.74
C HIS A 481 -3.47 9.12 0.62
N ILE A 482 -3.30 7.81 0.70
CA ILE A 482 -2.73 7.03 -0.38
C ILE A 482 -3.54 7.39 -1.62
N THR A 483 -2.83 7.78 -2.68
CA THR A 483 -3.45 8.38 -3.85
C THR A 483 -2.80 7.91 -5.13
N ILE A 484 -3.60 7.41 -6.07
CA ILE A 484 -3.09 7.11 -7.40
C ILE A 484 -3.20 8.35 -8.30
N LYS A 485 -2.10 8.67 -8.98
CA LYS A 485 -2.03 9.79 -9.92
C LYS A 485 -1.53 9.32 -11.29
N ALA A 486 -2.03 9.95 -12.35
CA ALA A 486 -1.55 9.67 -13.70
C ALA A 486 -1.04 10.93 -14.40
N SER A 487 0.01 10.75 -15.19
CA SER A 487 0.53 11.83 -16.04
C SER A 487 0.46 11.42 -17.50
N LEU A 488 0.10 12.38 -18.33
CA LEU A 488 -0.04 12.16 -19.77
C LEU A 488 1.07 12.84 -20.55
N ASP A 489 1.73 13.80 -19.90
CA ASP A 489 2.81 14.53 -20.54
C ASP A 489 4.17 14.20 -19.96
N ASP A 490 4.48 12.90 -19.89
CA ASP A 490 5.77 12.43 -19.40
C ASP A 490 6.16 12.92 -17.98
N GLY A 491 5.17 13.02 -17.10
CA GLY A 491 5.48 13.34 -15.71
C GLY A 491 5.71 14.81 -15.44
N LEU A 492 5.43 15.64 -16.46
CA LEU A 492 5.47 17.09 -16.28
C LEU A 492 4.28 17.55 -15.44
N THR A 493 3.08 17.12 -15.84
CA THR A 493 1.86 17.49 -15.13
C THR A 493 1.07 16.29 -14.60
N TRP A 494 0.44 16.49 -13.43
CA TRP A 494 -0.43 15.50 -12.82
C TRP A 494 -1.75 16.15 -12.47
N LEU A 495 -2.75 15.93 -13.32
CA LEU A 495 -4.03 16.61 -13.24
C LEU A 495 -4.92 15.97 -12.19
N PRO A 496 -5.45 16.79 -11.25
CA PRO A 496 -6.38 16.40 -10.19
C PRO A 496 -7.45 15.47 -10.72
N GLU A 497 -7.93 15.80 -11.91
CA GLU A 497 -8.94 15.03 -12.62
C GLU A 497 -8.49 13.60 -12.86
N HIS A 498 -7.18 13.38 -12.98
CA HIS A 498 -6.66 12.03 -13.19
C HIS A 498 -6.01 11.48 -11.93
N GLN A 499 -6.61 11.76 -10.77
CA GLN A 499 -6.14 11.20 -9.50
C GLN A 499 -7.27 10.43 -8.81
N LEU A 500 -6.91 9.53 -7.91
CA LEU A 500 -7.90 8.83 -7.09
C LEU A 500 -7.33 8.48 -5.74
N MSE A 501 -7.96 8.98 -4.68
CA MSE A 501 -7.44 8.63 -3.38
C MSE A 501 -8.22 7.45 -2.78
O MSE A 501 -9.47 7.42 -2.80
CB MSE A 501 -7.21 9.85 -2.47
CG MSE A 501 -8.34 10.30 -1.60
SE MSE A 501 -8.17 9.68 0.24
CE MSE A 501 -9.47 8.29 0.09
N LEU A 502 -7.46 6.47 -2.31
CA LEU A 502 -7.95 5.17 -1.87
C LEU A 502 -8.19 5.12 -0.37
N ASP A 503 -7.33 5.80 0.38
CA ASP A 503 -7.28 5.60 1.82
C ASP A 503 -6.89 6.89 2.51
N GLU A 504 -7.86 7.53 3.16
CA GLU A 504 -7.60 8.74 3.92
C GLU A 504 -7.04 8.38 5.32
N GLY A 505 -7.04 7.10 5.64
CA GLY A 505 -6.60 6.66 6.96
C GLY A 505 -5.10 6.65 7.14
N GLU A 506 -4.67 6.64 8.39
CA GLU A 506 -3.25 6.56 8.69
C GLU A 506 -2.74 5.13 8.51
N GLY A 507 -1.64 4.98 7.79
CA GLY A 507 -1.10 3.66 7.57
C GLY A 507 0.40 3.77 7.52
N TRP A 508 1.05 2.74 6.99
CA TRP A 508 2.50 2.75 6.90
C TRP A 508 3.00 3.39 5.58
N GLY A 509 2.10 3.56 4.61
CA GLY A 509 2.40 4.36 3.44
C GLY A 509 2.90 3.72 2.15
N TYR A 510 3.62 2.59 2.21
CA TYR A 510 4.16 2.03 0.97
C TYR A 510 3.08 1.45 0.06
N SER A 511 3.38 1.40 -1.23
CA SER A 511 2.46 0.93 -2.26
C SER A 511 3.20 0.48 -3.51
N CYS A 512 2.54 -0.36 -4.30
CA CYS A 512 3.11 -0.76 -5.57
C CYS A 512 2.03 -0.99 -6.61
N LEU A 513 2.21 -0.34 -7.76
CA LEU A 513 1.28 -0.40 -8.89
C LEU A 513 1.63 -1.49 -9.90
N THR A 514 0.65 -1.99 -10.61
CA THR A 514 0.91 -2.85 -11.77
C THR A 514 -0.26 -2.71 -12.73
N MSE A 515 -0.07 -3.10 -13.99
CA MSE A 515 -1.22 -3.22 -14.86
C MSE A 515 -1.75 -4.64 -14.74
O MSE A 515 -1.06 -5.59 -15.01
CB MSE A 515 -0.85 -2.85 -16.31
CG MSE A 515 -0.65 -1.35 -16.52
SE MSE A 515 -2.31 -0.39 -16.15
CE MSE A 515 -1.64 1.27 -15.49
N ILE A 516 -2.99 -4.78 -14.30
CA ILE A 516 -3.56 -6.11 -14.15
C ILE A 516 -3.79 -6.73 -15.52
N ASP A 517 -4.46 -5.98 -16.39
CA ASP A 517 -4.60 -6.32 -17.80
C ASP A 517 -4.51 -5.00 -18.55
N ARG A 518 -4.98 -4.96 -19.80
CA ARG A 518 -4.87 -3.75 -20.63
C ARG A 518 -5.80 -2.62 -20.19
N GLU A 519 -6.86 -2.94 -19.45
CA GLU A 519 -7.79 -1.90 -19.00
C GLU A 519 -7.80 -1.66 -17.48
N THR A 520 -6.98 -2.42 -16.73
CA THR A 520 -7.10 -2.45 -15.27
C THR A 520 -5.81 -2.23 -14.49
N ILE A 521 -5.85 -1.25 -13.60
CA ILE A 521 -4.74 -0.97 -12.71
C ILE A 521 -4.83 -1.86 -11.47
N GLY A 522 -3.68 -2.36 -11.02
CA GLY A 522 -3.58 -3.00 -9.70
C GLY A 522 -2.73 -2.22 -8.71
N ILE A 523 -3.13 -2.26 -7.43
CA ILE A 523 -2.36 -1.61 -6.35
C ILE A 523 -2.29 -2.55 -5.15
N LEU A 524 -1.10 -2.67 -4.56
CA LEU A 524 -0.89 -3.42 -3.33
C LEU A 524 -0.18 -2.52 -2.34
N TYR A 525 -0.86 -2.19 -1.26
CA TYR A 525 -0.34 -1.20 -0.33
C TYR A 525 -0.67 -1.47 1.14
N GLU A 526 0.08 -0.78 2.00
CA GLU A 526 -0.13 -0.81 3.43
C GLU A 526 -1.24 0.20 3.74
N SER A 527 -2.46 -0.28 3.93
CA SER A 527 -3.54 0.64 4.25
C SER A 527 -3.82 0.70 5.73
N SER A 528 -4.78 1.52 6.07
CA SER A 528 -5.31 1.63 7.40
C SER A 528 -6.28 0.47 7.66
N ALA A 529 -6.57 -0.32 6.63
CA ALA A 529 -7.48 -1.47 6.78
C ALA A 529 -6.76 -2.80 6.96
N ALA A 530 -5.58 -2.93 6.36
CA ALA A 530 -4.84 -4.18 6.36
C ALA A 530 -3.39 -3.94 5.93
N HIS A 531 -2.47 -4.73 6.47
CA HIS A 531 -1.05 -4.56 6.18
C HIS A 531 -0.75 -4.68 4.69
N MSE A 532 -1.40 -5.64 4.04
CA MSE A 532 -1.27 -5.84 2.62
C MSE A 532 -2.67 -5.79 1.99
O MSE A 532 -3.41 -6.77 2.03
CB MSE A 532 -0.60 -7.17 2.30
CG MSE A 532 0.93 -7.18 2.50
SE MSE A 532 1.90 -5.94 1.30
CE MSE A 532 2.65 -4.75 2.63
N THR A 533 -2.97 -4.63 1.42
CA THR A 533 -4.28 -4.33 0.87
C THR A 533 -4.16 -4.29 -0.65
N PHE A 534 -4.98 -5.09 -1.30
CA PHE A 534 -5.02 -5.07 -2.77
C PHE A 534 -6.30 -4.39 -3.27
N GLN A 535 -6.15 -3.53 -4.26
CA GLN A 535 -7.29 -2.90 -4.94
C GLN A 535 -7.09 -2.89 -6.45
N ALA A 536 -8.19 -3.05 -7.19
CA ALA A 536 -8.20 -3.02 -8.66
C ALA A 536 -9.03 -1.84 -9.17
N VAL A 537 -8.47 -1.08 -10.11
CA VAL A 537 -9.13 0.12 -10.61
C VAL A 537 -9.14 0.18 -12.14
N LYS A 538 -10.33 0.25 -12.74
CA LYS A 538 -10.42 0.41 -14.19
C LYS A 538 -9.72 1.69 -14.66
N LEU A 539 -8.78 1.52 -15.60
CA LEU A 539 -8.09 2.66 -16.21
C LEU A 539 -9.02 3.84 -16.57
N LYS A 540 -10.15 3.53 -17.20
CA LYS A 540 -11.10 4.58 -17.61
C LYS A 540 -11.68 5.38 -16.44
N ASP A 541 -11.76 4.76 -15.26
CA ASP A 541 -12.23 5.43 -14.04
C ASP A 541 -11.29 6.53 -13.63
N LEU A 542 -9.99 6.24 -13.71
CA LEU A 542 -8.98 7.18 -13.26
C LEU A 542 -8.78 8.31 -14.28
N ILE A 543 -8.77 7.96 -15.56
CA ILE A 543 -8.39 8.92 -16.61
C ILE A 543 -9.55 9.66 -17.25
N ARG A 544 -10.40 8.95 -18.02
CA ARG A 544 -11.60 9.55 -18.66
C ARG A 544 -11.39 10.88 -19.41
#